data_1LTQ
#
_entry.id   1LTQ
#
_cell.length_a   78.585
_cell.length_b   93.684
_cell.length_c   124.165
_cell.angle_alpha   90.00
_cell.angle_beta   90.00
_cell.angle_gamma   90.00
#
_symmetry.space_group_name_H-M   'I 2 2 2'
#
loop_
_entity.id
_entity.type
_entity.pdbx_description
1 polymer 'POLYNUCLEOTIDE KINASE'
2 non-polymer "ADENOSINE-5'-DIPHOSPHATE"
3 non-polymer 'DIMETHYL SULFOXIDE'
4 water water
#
_entity_poly.entity_id   1
_entity_poly.type   'polypeptide(L)'
_entity_poly.pdbx_seq_one_letter_code
;(MSE)KKIILTIGCPGSGKSTWAREFIAKNPGFYNINRDDYRQSI(MSE)AHEERDEYKYTKKKEGIVTG(MSE)QFDTA
KSILYGGDSVKGVIISDTNLNPERRLAWETFAKEYGWKVEHKVFDVPWTELVKRNSKRGTKAVPIDVLRS(MSE)YKS
(MSE)REYLGLPVYNGTPGKPKAVIFDVDGTLAK(MSE)NGRGPYDLEKCDTDVINP(MSE)VVELSK(MSE)YAL
(MSE)GYQIVVVSGRESGTKEDPTKYYR(MSE)TRKWVEDIAGVPLV(MSE)QCQREQGDTRKDDVVKEEIFWKHIAPHF
DVKLAIDDRTQVVE(MSE)WRRIGVECWQVASGDF
;
_entity_poly.pdbx_strand_id   A
#
# COMPACT_ATOMS: atom_id res chain seq x y z
N LYS A 2 20.77 3.77 -26.79
CA LYS A 2 19.67 2.82 -26.76
C LYS A 2 19.16 2.85 -25.32
N LYS A 3 17.85 2.70 -25.13
CA LYS A 3 17.28 2.73 -23.79
C LYS A 3 17.07 1.34 -23.21
N ILE A 4 17.20 1.27 -21.89
CA ILE A 4 16.95 0.06 -21.14
C ILE A 4 15.85 0.56 -20.21
N ILE A 5 14.61 0.18 -20.47
CA ILE A 5 13.48 0.63 -19.66
C ILE A 5 13.10 -0.40 -18.60
N LEU A 6 13.29 -0.05 -17.33
CA LEU A 6 12.92 -0.95 -16.24
C LEU A 6 11.53 -0.58 -15.75
N THR A 7 10.61 -1.54 -15.73
CA THR A 7 9.27 -1.25 -15.22
C THR A 7 9.39 -1.46 -13.71
N ILE A 8 8.84 -0.55 -12.92
CA ILE A 8 8.91 -0.68 -11.47
C ILE A 8 7.49 -0.80 -10.95
N GLY A 9 7.14 -1.93 -10.35
CA GLY A 9 5.80 -2.11 -9.85
C GLY A 9 5.51 -3.49 -9.30
N CYS A 10 4.63 -3.55 -8.30
CA CYS A 10 4.25 -4.81 -7.71
C CYS A 10 3.50 -5.65 -8.75
N PRO A 11 3.47 -6.96 -8.57
CA PRO A 11 2.73 -7.78 -9.55
C PRO A 11 1.29 -7.31 -9.71
N GLY A 12 0.80 -7.34 -10.94
CA GLY A 12 -0.57 -6.93 -11.21
C GLY A 12 -0.73 -5.44 -11.40
N SER A 13 0.39 -4.72 -11.43
CA SER A 13 0.33 -3.27 -11.57
C SER A 13 0.15 -2.79 -13.01
N GLY A 14 0.21 -3.72 -13.97
CA GLY A 14 0.03 -3.34 -15.37
C GLY A 14 1.29 -3.31 -16.21
N LYS A 15 2.40 -3.82 -15.66
CA LYS A 15 3.68 -3.82 -16.35
C LYS A 15 3.69 -4.53 -17.70
N SER A 16 3.14 -5.75 -17.75
CA SER A 16 3.11 -6.49 -18.99
C SER A 16 2.18 -5.86 -20.03
N THR A 17 1.01 -5.45 -19.60
CA THR A 17 0.05 -4.83 -20.50
C THR A 17 0.71 -3.62 -21.17
N TRP A 18 1.31 -2.75 -20.35
CA TRP A 18 1.98 -1.58 -20.89
C TRP A 18 3.06 -1.99 -21.88
N ALA A 19 3.90 -2.95 -21.49
CA ALA A 19 4.98 -3.42 -22.34
C ALA A 19 4.49 -3.84 -23.71
N ARG A 20 3.41 -4.63 -23.75
CA ARG A 20 2.88 -5.08 -25.02
C ARG A 20 2.42 -3.91 -25.88
N GLU A 21 1.64 -3.02 -25.25
CA GLU A 21 1.11 -1.85 -25.93
C GLU A 21 2.23 -0.97 -26.47
N PHE A 22 3.25 -0.74 -25.64
CA PHE A 22 4.37 0.11 -26.03
C PHE A 22 5.14 -0.48 -27.22
N ILE A 23 5.37 -1.78 -27.19
CA ILE A 23 6.11 -2.42 -28.28
C ILE A 23 5.25 -2.37 -29.55
N ALA A 24 3.94 -2.53 -29.38
CA ALA A 24 3.02 -2.49 -30.50
C ALA A 24 3.02 -1.12 -31.19
N LYS A 25 3.38 -0.08 -30.44
CA LYS A 25 3.38 1.29 -30.98
C LYS A 25 4.77 1.83 -31.33
N ASN A 26 5.82 1.22 -30.78
CA ASN A 26 7.17 1.70 -31.04
C ASN A 26 8.13 0.63 -31.50
N PRO A 27 8.17 0.38 -32.81
CA PRO A 27 9.07 -0.64 -33.39
C PRO A 27 10.51 -0.38 -32.96
N GLY A 28 11.25 -1.45 -32.71
CA GLY A 28 12.63 -1.31 -32.29
C GLY A 28 12.83 -1.59 -30.80
N PHE A 29 11.74 -1.95 -30.12
CA PHE A 29 11.79 -2.25 -28.69
C PHE A 29 11.48 -3.72 -28.41
N TYR A 30 12.29 -4.35 -27.58
CA TYR A 30 12.08 -5.73 -27.22
C TYR A 30 11.89 -5.89 -25.72
N ASN A 31 11.20 -6.96 -25.33
CA ASN A 31 10.87 -7.27 -23.94
C ASN A 31 11.69 -8.42 -23.36
N ILE A 32 12.16 -8.23 -22.12
CA ILE A 32 12.94 -9.23 -21.38
C ILE A 32 12.20 -9.41 -20.04
N ASN A 33 11.84 -10.63 -19.70
CA ASN A 33 11.06 -10.90 -18.49
C ASN A 33 11.59 -12.15 -17.74
N ARG A 34 12.06 -11.98 -16.49
CA ARG A 34 12.65 -13.10 -15.70
C ARG A 34 11.70 -14.27 -15.67
N ASP A 35 10.42 -13.88 -15.75
N ASP A 35 10.03 -13.79 -15.52
CA ASP A 35 9.24 -14.75 -15.71
CA ASP A 35 8.90 -14.70 -15.42
C ASP A 35 8.94 -15.53 -17.00
C ASP A 35 8.81 -15.60 -16.63
N ASP A 36 9.09 -14.96 -18.20
CA ASP A 36 8.88 -15.81 -19.34
C ASP A 36 10.00 -16.86 -19.17
N TYR A 37 11.18 -16.40 -18.75
CA TYR A 37 12.34 -17.28 -18.57
C TYR A 37 12.17 -18.33 -17.48
N ARG A 38 11.71 -17.92 -16.31
CA ARG A 38 11.51 -18.84 -15.20
C ARG A 38 10.58 -19.99 -15.61
N GLN A 39 9.43 -19.65 -16.18
CA GLN A 39 8.48 -20.67 -16.62
C GLN A 39 9.05 -21.56 -17.73
N SER A 40 9.79 -20.93 -18.64
CA SER A 40 10.38 -21.61 -19.76
C SER A 40 11.41 -22.71 -19.45
N ILE A 41 12.44 -22.40 -18.67
CA ILE A 41 13.45 -23.41 -18.35
C ILE A 41 12.89 -24.60 -17.58
N ALA A 43 9.83 -25.81 -18.25
CA ALA A 43 8.78 -26.39 -19.09
C ALA A 43 7.41 -26.06 -18.51
N HIS A 44 7.33 -24.89 -17.88
CA HIS A 44 6.09 -24.35 -17.31
C HIS A 44 5.53 -25.09 -16.11
N GLU A 45 6.37 -25.31 -15.10
CA GLU A 45 5.93 -25.96 -13.88
C GLU A 45 5.08 -24.91 -13.16
N GLU A 46 3.93 -25.30 -12.61
CA GLU A 46 3.08 -24.35 -11.90
C GLU A 46 3.92 -23.57 -10.88
N ARG A 47 3.70 -22.26 -10.82
CA ARG A 47 4.46 -21.39 -9.92
C ARG A 47 4.51 -21.77 -8.44
N ASP A 48 3.52 -22.52 -7.97
CA ASP A 48 3.45 -22.94 -6.56
C ASP A 48 4.81 -23.15 -5.93
N TYR A 52 12.51 -22.60 -6.43
CA TYR A 52 12.97 -21.53 -5.56
C TYR A 52 14.47 -21.64 -5.30
N THR A 53 15.22 -22.09 -6.30
CA THR A 53 16.66 -22.29 -6.17
C THR A 53 17.54 -21.12 -6.58
N LYS A 54 18.60 -20.90 -5.81
CA LYS A 54 19.55 -19.84 -6.10
C LYS A 54 20.26 -20.06 -7.45
N LYS A 55 20.24 -21.30 -7.94
CA LYS A 55 20.90 -21.62 -9.21
C LYS A 55 20.00 -21.25 -10.39
N LYS A 56 18.72 -21.61 -10.28
CA LYS A 56 17.76 -21.30 -11.34
C LYS A 56 17.77 -19.79 -11.54
N GLU A 57 17.67 -19.05 -10.43
CA GLU A 57 17.66 -17.59 -10.46
C GLU A 57 18.93 -17.05 -11.11
N GLY A 58 20.02 -17.79 -10.93
CA GLY A 58 21.28 -17.40 -11.53
C GLY A 58 21.21 -17.56 -13.04
N ILE A 59 20.48 -18.59 -13.49
CA ILE A 59 20.31 -18.83 -14.91
C ILE A 59 19.45 -17.74 -15.54
N VAL A 60 18.29 -17.49 -14.94
CA VAL A 60 17.38 -16.45 -15.43
C VAL A 60 18.11 -15.11 -15.53
N THR A 61 18.94 -14.80 -14.53
CA THR A 61 19.70 -13.56 -14.52
C THR A 61 20.64 -13.52 -15.74
N GLY A 62 21.41 -14.58 -15.94
CA GLY A 62 22.30 -14.63 -17.08
C GLY A 62 21.52 -14.43 -18.37
N GLN A 64 18.76 -12.86 -18.89
CA GLN A 64 18.39 -11.45 -19.03
C GLN A 64 19.48 -10.51 -19.56
N PHE A 65 20.67 -10.57 -18.97
CA PHE A 65 21.76 -9.70 -19.42
C PHE A 65 22.29 -10.09 -20.79
N ASP A 66 22.52 -11.39 -20.99
CA ASP A 66 23.01 -11.87 -22.28
C ASP A 66 22.02 -11.49 -23.39
N THR A 67 20.73 -11.54 -23.08
CA THR A 67 19.71 -11.20 -24.06
C THR A 67 19.66 -9.70 -24.30
N ALA A 68 19.99 -8.91 -23.27
CA ALA A 68 19.97 -7.47 -23.44
C ALA A 68 21.14 -7.06 -24.35
N LYS A 69 22.32 -7.59 -24.09
CA LYS A 69 23.51 -7.29 -24.89
C LYS A 69 23.29 -7.54 -26.38
N SER A 70 22.81 -8.74 -26.70
CA SER A 70 22.56 -9.12 -28.08
C SER A 70 21.57 -8.18 -28.75
N ILE A 71 20.41 -8.00 -28.13
CA ILE A 71 19.40 -7.13 -28.71
C ILE A 71 19.94 -5.71 -28.86
N LEU A 72 20.41 -5.13 -27.76
CA LEU A 72 20.92 -3.76 -27.79
C LEU A 72 22.07 -3.52 -28.75
N TYR A 73 22.50 -4.56 -29.47
CA TYR A 73 23.57 -4.33 -30.43
C TYR A 73 23.15 -4.51 -31.87
N GLY A 74 21.83 -4.52 -32.09
CA GLY A 74 21.33 -4.63 -33.44
C GLY A 74 21.70 -3.31 -34.11
N GLY A 75 21.27 -3.14 -35.35
CA GLY A 75 21.60 -1.89 -36.05
C GLY A 75 20.85 -0.70 -35.49
N ASP A 76 20.69 0.34 -36.31
CA ASP A 76 20.00 1.55 -35.91
C ASP A 76 18.50 1.26 -35.80
N SER A 77 18.12 0.01 -36.06
CA SER A 77 16.73 -0.43 -35.99
C SER A 77 16.31 -0.60 -34.54
N VAL A 78 17.22 -1.10 -33.71
CA VAL A 78 16.94 -1.32 -32.30
C VAL A 78 16.98 0.00 -31.53
N LYS A 79 15.90 0.28 -30.80
CA LYS A 79 15.83 1.50 -30.01
C LYS A 79 16.14 1.18 -28.55
N GLY A 80 15.67 0.02 -28.10
CA GLY A 80 15.91 -0.38 -26.72
C GLY A 80 15.18 -1.64 -26.29
N VAL A 81 15.32 -1.96 -25.00
CA VAL A 81 14.70 -3.12 -24.39
C VAL A 81 13.90 -2.70 -23.16
N ILE A 82 12.85 -3.47 -22.86
CA ILE A 82 12.04 -3.22 -21.68
C ILE A 82 12.28 -4.43 -20.78
N ILE A 83 12.58 -4.16 -19.51
CA ILE A 83 12.81 -5.20 -18.51
C ILE A 83 11.53 -5.12 -17.69
N SER A 84 10.52 -5.87 -18.13
CA SER A 84 9.21 -5.87 -17.51
C SER A 84 9.03 -6.66 -16.22
N ASP A 85 10.04 -6.64 -15.34
CA ASP A 85 9.97 -7.33 -14.05
C ASP A 85 9.49 -6.35 -12.99
N THR A 86 9.38 -6.79 -11.75
CA THR A 86 8.95 -5.89 -10.69
C THR A 86 10.09 -4.88 -10.45
N ASN A 87 11.33 -5.36 -10.52
CA ASN A 87 12.51 -4.53 -10.31
C ASN A 87 12.38 -3.74 -9.03
N LEU A 88 11.90 -4.42 -7.99
CA LEU A 88 11.73 -3.78 -6.70
C LEU A 88 12.90 -4.00 -5.74
N ASN A 89 13.84 -4.85 -6.13
CA ASN A 89 15.03 -5.10 -5.31
C ASN A 89 16.08 -4.06 -5.72
N PRO A 90 16.41 -3.13 -4.81
CA PRO A 90 17.40 -2.09 -5.15
C PRO A 90 18.73 -2.55 -5.74
N GLU A 91 19.29 -3.65 -5.24
CA GLU A 91 20.57 -4.12 -5.76
C GLU A 91 20.49 -4.53 -7.22
N ARG A 92 19.36 -5.11 -7.61
CA ARG A 92 19.19 -5.54 -9.00
C ARG A 92 19.01 -4.34 -9.91
N ARG A 93 18.35 -3.31 -9.39
CA ARG A 93 18.14 -2.08 -10.15
C ARG A 93 19.52 -1.44 -10.42
N LEU A 94 20.36 -1.42 -9.39
CA LEU A 94 21.69 -0.84 -9.50
C LEU A 94 22.48 -1.65 -10.52
N ALA A 95 22.35 -2.97 -10.45
CA ALA A 95 23.05 -3.86 -11.36
C ALA A 95 22.73 -3.55 -12.83
N TRP A 96 21.50 -3.12 -13.09
CA TRP A 96 21.12 -2.79 -14.46
C TRP A 96 21.75 -1.47 -14.89
N GLU A 97 21.86 -0.53 -13.95
CA GLU A 97 22.42 0.77 -14.27
C GLU A 97 23.93 0.70 -14.49
N THR A 98 24.64 -0.08 -13.68
CA THR A 98 26.08 -0.17 -13.86
C THR A 98 26.37 -1.01 -15.11
N PHE A 99 25.43 -1.88 -15.48
CA PHE A 99 25.57 -2.69 -16.68
C PHE A 99 25.45 -1.77 -17.91
N ALA A 100 24.48 -0.86 -17.84
CA ALA A 100 24.22 0.07 -18.93
C ALA A 100 25.30 1.16 -19.08
N LYS A 101 25.96 1.48 -17.98
CA LYS A 101 27.00 2.50 -18.00
C LYS A 101 28.24 2.01 -18.73
N GLU A 102 28.66 0.79 -18.44
CA GLU A 102 29.86 0.25 -19.07
C GLU A 102 29.70 -0.09 -20.55
N TYR A 103 28.47 -0.34 -21.01
CA TYR A 103 28.27 -0.64 -22.42
C TYR A 103 27.74 0.59 -23.15
N GLY A 104 27.56 1.67 -22.41
CA GLY A 104 27.10 2.92 -23.01
C GLY A 104 25.63 3.07 -23.36
N TRP A 105 24.75 2.45 -22.60
CA TRP A 105 23.31 2.56 -22.87
C TRP A 105 22.67 3.35 -21.74
N LYS A 106 21.51 3.95 -21.99
CA LYS A 106 20.82 4.72 -20.95
C LYS A 106 19.69 3.90 -20.29
N VAL A 107 19.50 4.13 -18.99
CA VAL A 107 18.45 3.45 -18.22
C VAL A 107 17.31 4.38 -17.82
N GLU A 108 16.10 4.02 -18.24
CA GLU A 108 14.92 4.78 -17.88
C GLU A 108 14.00 3.88 -17.03
N HIS A 109 13.12 4.50 -16.26
CA HIS A 109 12.16 3.80 -15.40
C HIS A 109 10.75 4.15 -15.81
N LYS A 110 9.87 3.14 -15.80
CA LYS A 110 8.47 3.34 -16.12
C LYS A 110 7.77 2.78 -14.89
N VAL A 111 7.31 3.68 -14.01
CA VAL A 111 6.67 3.32 -12.77
C VAL A 111 5.17 3.08 -12.84
N PHE A 112 4.69 2.06 -12.14
CA PHE A 112 3.27 1.72 -12.10
C PHE A 112 2.84 1.70 -10.64
N ASP A 113 2.62 2.88 -10.08
CA ASP A 113 2.23 2.99 -8.68
C ASP A 113 0.73 2.83 -8.53
N VAL A 114 0.29 1.59 -8.27
CA VAL A 114 -1.12 1.26 -8.10
C VAL A 114 -1.41 1.17 -6.60
N PRO A 115 -2.55 1.69 -6.15
CA PRO A 115 -2.90 1.64 -4.71
C PRO A 115 -3.03 0.22 -4.18
N TRP A 116 -2.53 -0.01 -2.96
CA TRP A 116 -2.61 -1.31 -2.33
C TRP A 116 -3.95 -2.00 -2.51
N THR A 117 -5.03 -1.29 -2.23
CA THR A 117 -6.37 -1.87 -2.37
C THR A 117 -6.63 -2.37 -3.80
N GLU A 118 -6.06 -1.70 -4.79
CA GLU A 118 -6.24 -2.14 -6.19
C GLU A 118 -5.34 -3.35 -6.44
N LEU A 119 -4.14 -3.35 -5.84
CA LEU A 119 -3.24 -4.49 -6.02
C LEU A 119 -3.89 -5.75 -5.49
N VAL A 120 -4.43 -5.67 -4.28
CA VAL A 120 -5.09 -6.82 -3.65
C VAL A 120 -6.26 -7.29 -4.51
N LYS A 121 -7.13 -6.35 -4.88
CA LYS A 121 -8.29 -6.66 -5.69
C LYS A 121 -7.87 -7.43 -6.94
N ARG A 122 -6.95 -6.85 -7.72
CA ARG A 122 -6.49 -7.50 -8.94
C ARG A 122 -5.84 -8.85 -8.68
N ASN A 123 -5.00 -8.91 -7.64
CA ASN A 123 -4.31 -10.14 -7.32
C ASN A 123 -5.25 -11.28 -6.98
N SER A 124 -6.38 -10.99 -6.35
CA SER A 124 -7.32 -12.03 -5.98
C SER A 124 -7.99 -12.66 -7.19
N LYS A 125 -7.90 -12.01 -8.35
CA LYS A 125 -8.51 -12.53 -9.57
C LYS A 125 -7.47 -13.07 -10.54
N ARG A 126 -6.20 -12.90 -10.19
CA ARG A 126 -5.09 -13.32 -11.04
C ARG A 126 -5.03 -14.82 -11.40
N GLY A 127 -5.84 -15.64 -10.75
CA GLY A 127 -5.82 -17.05 -11.04
C GLY A 127 -4.51 -17.70 -10.64
N THR A 128 -3.99 -18.55 -11.53
CA THR A 128 -2.72 -19.25 -11.28
C THR A 128 -1.52 -18.32 -11.17
N LYS A 129 -1.67 -17.08 -11.59
CA LYS A 129 -0.59 -16.10 -11.51
C LYS A 129 -0.73 -15.25 -10.26
N ALA A 130 -1.73 -15.56 -9.44
CA ALA A 130 -1.95 -14.82 -8.21
C ALA A 130 -0.74 -15.05 -7.33
N VAL A 131 -0.41 -14.06 -6.51
CA VAL A 131 0.74 -14.17 -5.64
C VAL A 131 0.24 -14.19 -4.19
N PRO A 132 0.95 -14.91 -3.29
CA PRO A 132 0.51 -14.94 -1.89
C PRO A 132 0.47 -13.54 -1.30
N ILE A 133 -0.49 -13.32 -0.41
CA ILE A 133 -0.63 -12.01 0.17
C ILE A 133 0.65 -11.51 0.84
N ASP A 134 1.38 -12.37 1.52
CA ASP A 134 2.61 -11.94 2.19
C ASP A 134 3.72 -11.48 1.23
N VAL A 135 3.85 -12.10 0.05
CA VAL A 135 4.89 -11.63 -0.85
C VAL A 135 4.39 -10.32 -1.50
N LEU A 136 3.08 -10.20 -1.70
CA LEU A 136 2.52 -8.98 -2.29
C LEU A 136 2.74 -7.80 -1.33
N ARG A 137 2.49 -8.02 -0.04
CA ARG A 137 2.67 -6.98 0.97
C ARG A 137 4.14 -6.59 1.02
N SER A 138 5.02 -7.55 0.77
CA SER A 138 6.46 -7.35 0.77
C SER A 138 6.88 -6.51 -0.45
N TYR A 140 4.91 -4.43 -2.04
CA TYR A 140 4.39 -3.09 -1.83
C TYR A 140 5.29 -2.28 -0.88
N LYS A 141 5.90 -2.95 0.09
CA LYS A 141 6.78 -2.28 1.03
C LYS A 141 8.01 -1.78 0.28
N SER A 142 8.53 -2.60 -0.64
CA SER A 142 9.69 -2.20 -1.42
C SER A 142 9.32 -1.07 -2.37
N ARG A 144 7.09 1.21 -1.81
CA ARG A 144 7.03 2.42 -1.00
C ARG A 144 8.42 2.98 -0.72
N GLU A 145 9.41 2.10 -0.55
CA GLU A 145 10.78 2.55 -0.29
C GLU A 145 11.32 3.17 -1.59
N TYR A 146 10.92 2.61 -2.73
CA TYR A 146 11.35 3.15 -4.02
C TYR A 146 10.84 4.58 -4.17
N LEU A 147 9.56 4.78 -3.86
CA LEU A 147 8.93 6.10 -3.96
C LEU A 147 9.41 7.05 -2.86
N GLY A 148 10.10 6.50 -1.86
CA GLY A 148 10.58 7.35 -0.79
C GLY A 148 9.46 7.83 0.13
N LEU A 149 8.42 7.01 0.27
CA LEU A 149 7.30 7.35 1.14
C LEU A 149 7.76 7.25 2.59
N PRO A 150 7.18 8.05 3.48
CA PRO A 150 7.53 8.07 4.90
C PRO A 150 7.16 6.86 5.76
N VAL A 151 8.03 6.55 6.71
CA VAL A 151 7.80 5.47 7.66
C VAL A 151 7.98 6.12 9.04
N TYR A 152 7.01 5.91 9.92
CA TYR A 152 7.03 6.48 11.26
C TYR A 152 8.02 5.74 12.15
N ASN A 153 8.66 6.46 13.07
CA ASN A 153 9.63 5.85 13.98
C ASN A 153 9.53 6.51 15.34
N GLY A 154 8.36 7.05 15.66
CA GLY A 154 8.15 7.70 16.94
C GLY A 154 8.35 9.20 16.93
N THR A 155 7.83 9.86 17.95
CA THR A 155 7.97 11.31 18.07
C THR A 155 8.54 11.61 19.44
N PRO A 156 9.87 11.75 19.52
CA PRO A 156 10.58 12.04 20.77
C PRO A 156 10.10 13.33 21.44
N GLY A 157 10.11 13.35 22.77
CA GLY A 157 9.70 14.53 23.51
C GLY A 157 8.20 14.73 23.56
N LYS A 158 7.44 13.81 22.97
CA LYS A 158 5.99 13.93 22.97
C LYS A 158 5.34 12.81 23.76
N PRO A 159 4.17 13.08 24.36
CA PRO A 159 3.49 12.06 25.15
C PRO A 159 3.09 10.83 24.32
N LYS A 160 3.18 9.66 24.94
CA LYS A 160 2.84 8.42 24.26
C LYS A 160 1.34 8.30 24.10
N ALA A 161 0.90 7.75 22.97
CA ALA A 161 -0.52 7.61 22.74
C ALA A 161 -0.90 6.38 21.93
N VAL A 162 -2.17 6.03 22.04
CA VAL A 162 -2.75 4.90 21.35
C VAL A 162 -3.86 5.47 20.47
N ILE A 163 -3.92 5.03 19.23
CA ILE A 163 -4.94 5.50 18.32
C ILE A 163 -6.06 4.49 18.25
N PHE A 164 -7.30 4.97 18.38
CA PHE A 164 -8.48 4.13 18.32
C PHE A 164 -9.41 4.58 17.20
N ASP A 165 -9.92 3.64 16.43
CA ASP A 165 -10.88 3.96 15.36
C ASP A 165 -12.25 3.81 16.03
N VAL A 166 -13.32 4.31 15.40
CA VAL A 166 -14.65 4.19 15.98
C VAL A 166 -15.45 3.06 15.36
N ASP A 167 -15.89 3.26 14.12
CA ASP A 167 -16.69 2.24 13.44
C ASP A 167 -16.04 0.86 13.41
N GLY A 168 -16.72 -0.12 14.00
CA GLY A 168 -16.21 -1.48 14.03
C GLY A 168 -15.23 -1.75 15.15
N THR A 169 -14.69 -0.70 15.76
CA THR A 169 -13.73 -0.85 16.84
C THR A 169 -14.30 -0.51 18.22
N LEU A 170 -14.55 0.77 18.48
CA LEU A 170 -15.14 1.15 19.76
C LEU A 170 -16.64 0.87 19.70
N ALA A 171 -17.20 0.98 18.50
CA ALA A 171 -18.62 0.73 18.27
C ALA A 171 -18.84 -0.40 17.27
N LYS A 172 -20.01 -1.03 17.33
CA LYS A 172 -20.38 -2.11 16.40
C LYS A 172 -21.38 -1.48 15.43
N ASN A 174 -26.02 -1.26 15.75
CA ASN A 174 -27.33 -1.78 16.12
C ASN A 174 -28.41 -1.52 15.06
N GLY A 175 -28.38 -2.34 14.02
CA GLY A 175 -29.36 -2.25 12.94
C GLY A 175 -29.48 -1.03 12.04
N ARG A 176 -28.38 -0.53 11.50
CA ARG A 176 -28.46 0.61 10.59
C ARG A 176 -27.90 0.20 9.24
N GLY A 177 -26.62 0.44 9.00
CA GLY A 177 -26.04 0.07 7.72
C GLY A 177 -24.89 0.98 7.36
N PRO A 178 -23.76 0.40 6.90
CA PRO A 178 -22.57 1.17 6.51
C PRO A 178 -22.91 2.35 5.61
N TYR A 179 -22.44 3.53 5.99
CA TYR A 179 -22.66 4.77 5.22
C TYR A 179 -23.96 5.49 5.55
N ASP A 180 -24.65 5.04 6.60
CA ASP A 180 -25.90 5.67 7.03
C ASP A 180 -25.60 6.25 8.43
N LEU A 181 -24.79 7.30 8.43
CA LEU A 181 -24.36 7.97 9.64
C LEU A 181 -25.48 8.67 10.39
N GLU A 182 -26.58 8.96 9.70
CA GLU A 182 -27.72 9.64 10.32
C GLU A 182 -28.21 8.89 11.56
N LYS A 183 -27.89 7.60 11.63
CA LYS A 183 -28.32 6.77 12.75
C LYS A 183 -27.13 6.13 13.49
N CYS A 184 -25.97 6.76 13.36
CA CYS A 184 -24.76 6.26 14.00
C CYS A 184 -24.78 6.51 15.50
N ASP A 185 -25.78 7.24 15.96
CA ASP A 185 -25.90 7.54 17.38
C ASP A 185 -26.52 6.36 18.09
N THR A 186 -26.95 5.36 17.32
CA THR A 186 -27.58 4.16 17.89
C THR A 186 -26.59 3.02 18.12
N ASP A 187 -25.36 3.18 17.63
CA ASP A 187 -24.34 2.15 17.79
C ASP A 187 -24.14 1.78 19.27
N VAL A 188 -23.92 0.49 19.52
CA VAL A 188 -23.70 -0.03 20.86
C VAL A 188 -22.19 -0.19 21.04
N ILE A 189 -21.72 -0.20 22.28
CA ILE A 189 -20.29 -0.33 22.53
C ILE A 189 -19.75 -1.74 22.30
N ASN A 190 -18.47 -1.80 21.96
CA ASN A 190 -17.75 -3.06 21.77
C ASN A 190 -17.02 -3.07 23.12
N PRO A 191 -17.67 -3.66 24.14
CA PRO A 191 -17.15 -3.75 25.52
C PRO A 191 -15.66 -3.93 25.72
N VAL A 193 -13.13 -3.61 23.74
CA VAL A 193 -12.31 -2.55 23.15
C VAL A 193 -12.51 -1.25 23.91
N VAL A 194 -13.75 -0.94 24.26
CA VAL A 194 -14.03 0.27 25.02
C VAL A 194 -13.23 0.16 26.32
N GLU A 195 -13.32 -0.99 26.98
CA GLU A 195 -12.58 -1.20 28.22
C GLU A 195 -11.08 -0.99 28.01
N LEU A 196 -10.55 -1.46 26.88
CA LEU A 196 -9.13 -1.32 26.59
C LEU A 196 -8.68 0.14 26.63
N SER A 197 -9.44 1.01 25.97
CA SER A 197 -9.12 2.43 25.90
C SER A 197 -9.02 3.05 27.29
N LYS A 198 -9.86 2.59 28.21
CA LYS A 198 -9.83 3.11 29.57
C LYS A 198 -8.60 2.58 30.29
N TYR A 200 -5.70 1.82 28.98
CA TYR A 200 -4.55 2.60 28.53
C TYR A 200 -4.48 3.98 29.16
N ALA A 201 -5.62 4.63 29.29
CA ALA A 201 -5.68 5.94 29.89
C ALA A 201 -5.08 5.83 31.31
N LEU A 202 -5.56 4.88 32.08
CA LEU A 202 -5.04 4.67 33.42
C LEU A 202 -3.53 4.49 33.40
N GLY A 204 -1.62 5.98 31.59
CA GLY A 204 -1.00 7.25 31.21
C GLY A 204 -0.87 7.56 29.74
N TYR A 205 -1.44 6.72 28.88
CA TYR A 205 -1.37 6.96 27.46
C TYR A 205 -2.42 7.99 27.05
N GLN A 206 -2.14 8.74 26.00
CA GLN A 206 -3.10 9.70 25.50
C GLN A 206 -3.96 8.88 24.54
N ILE A 207 -5.28 9.08 24.60
CA ILE A 207 -6.18 8.36 23.72
C ILE A 207 -6.62 9.26 22.58
N VAL A 208 -6.19 8.91 21.37
CA VAL A 208 -6.52 9.66 20.18
C VAL A 208 -7.54 8.88 19.37
N VAL A 209 -8.66 9.50 19.06
CA VAL A 209 -9.69 8.83 18.28
C VAL A 209 -9.69 9.29 16.84
N VAL A 210 -9.80 8.34 15.93
CA VAL A 210 -9.81 8.63 14.50
C VAL A 210 -11.03 7.94 13.87
N SER A 211 -11.56 8.55 12.82
CA SER A 211 -12.72 7.97 12.16
C SER A 211 -12.77 8.35 10.69
N GLY A 212 -13.16 7.39 9.86
CA GLY A 212 -13.25 7.61 8.44
C GLY A 212 -14.64 8.10 8.06
N ARG A 213 -15.48 8.30 9.06
CA ARG A 213 -16.84 8.80 8.84
C ARG A 213 -16.74 10.25 8.39
N GLU A 214 -17.41 10.59 7.30
CA GLU A 214 -17.38 11.96 6.79
C GLU A 214 -17.81 12.84 7.96
N SER A 215 -17.13 13.97 8.14
CA SER A 215 -17.46 14.86 9.26
C SER A 215 -18.92 15.28 9.24
N GLY A 216 -19.46 15.53 8.06
CA GLY A 216 -20.85 15.95 7.94
C GLY A 216 -21.31 16.15 6.51
N THR A 217 -22.38 16.92 6.35
CA THR A 217 -22.97 17.22 5.05
C THR A 217 -22.58 18.61 4.58
N LYS A 218 -22.90 18.92 3.33
CA LYS A 218 -22.61 20.21 2.71
C LYS A 218 -23.25 21.38 3.47
N GLU A 219 -24.46 21.18 3.98
CA GLU A 219 -25.16 22.23 4.72
C GLU A 219 -24.83 22.20 6.21
N ASP A 220 -24.34 21.07 6.70
CA ASP A 220 -23.95 20.92 8.11
C ASP A 220 -22.68 20.06 8.11
N PRO A 221 -21.53 20.69 7.84
CA PRO A 221 -20.20 20.08 7.78
C PRO A 221 -19.63 19.31 8.97
N THR A 222 -20.29 19.36 10.13
CA THR A 222 -19.80 18.61 11.29
C THR A 222 -20.91 17.78 11.94
N LYS A 223 -21.99 17.56 11.20
CA LYS A 223 -23.11 16.80 11.73
C LYS A 223 -22.69 15.46 12.33
N TYR A 224 -21.90 14.69 11.57
CA TYR A 224 -21.45 13.38 12.03
C TYR A 224 -20.28 13.45 13.01
N TYR A 225 -19.42 14.45 12.85
CA TYR A 225 -18.29 14.63 13.76
C TYR A 225 -18.85 14.87 15.17
N ARG A 226 -19.91 15.66 15.27
CA ARG A 226 -20.54 15.98 16.56
C ARG A 226 -21.24 14.76 17.19
N THR A 228 -20.61 11.61 16.58
CA THR A 228 -19.54 10.68 16.94
C THR A 228 -18.89 11.13 18.24
N ARG A 229 -18.60 12.42 18.36
CA ARG A 229 -17.99 12.95 19.58
C ARG A 229 -18.91 12.72 20.77
N LYS A 230 -20.21 12.96 20.62
CA LYS A 230 -21.12 12.75 21.74
C LYS A 230 -21.20 11.27 22.07
N TRP A 231 -21.25 10.43 21.05
CA TRP A 231 -21.31 8.99 21.28
C TRP A 231 -20.09 8.53 22.09
N VAL A 232 -18.89 8.94 21.68
CA VAL A 232 -17.66 8.54 22.39
C VAL A 232 -17.65 9.04 23.84
N GLU A 233 -18.16 10.25 24.06
CA GLU A 233 -18.20 10.84 25.40
C GLU A 233 -19.27 10.24 26.30
N ASP A 234 -20.53 10.38 25.89
CA ASP A 234 -21.66 9.90 26.67
C ASP A 234 -21.92 8.41 26.68
N ILE A 235 -21.73 7.73 25.55
CA ILE A 235 -22.01 6.31 25.51
C ILE A 235 -20.82 5.41 25.85
N ALA A 236 -19.70 5.60 25.17
CA ALA A 236 -18.52 4.78 25.43
C ALA A 236 -17.80 5.24 26.70
N GLY A 237 -17.71 6.56 26.88
CA GLY A 237 -17.03 7.10 28.05
C GLY A 237 -15.53 7.14 27.86
N VAL A 238 -15.10 7.15 26.60
CA VAL A 238 -13.69 7.19 26.25
C VAL A 238 -13.07 8.55 26.50
N PRO A 239 -12.05 8.62 27.38
CA PRO A 239 -11.38 9.89 27.70
C PRO A 239 -10.33 10.24 26.64
N LEU A 240 -10.79 10.70 25.49
CA LEU A 240 -9.89 11.05 24.39
C LEU A 240 -9.31 12.46 24.51
N VAL A 241 -8.09 12.63 24.01
CA VAL A 241 -7.40 13.92 24.05
C VAL A 241 -7.60 14.63 22.72
N GLN A 243 -9.75 14.11 18.62
CA GLN A 243 -10.64 13.38 17.74
C GLN A 243 -10.47 13.91 16.33
N CYS A 244 -9.96 13.08 15.44
CA CYS A 244 -9.75 13.48 14.06
C CYS A 244 -10.76 12.70 13.22
N GLN A 245 -11.19 13.28 12.11
CA GLN A 245 -12.19 12.62 11.30
C GLN A 245 -12.15 13.11 9.85
N ARG A 246 -12.59 12.27 8.93
CA ARG A 246 -12.61 12.61 7.51
C ARG A 246 -13.38 13.92 7.30
N GLU A 247 -12.79 14.83 6.53
CA GLU A 247 -13.44 16.11 6.27
C GLU A 247 -14.64 15.95 5.34
N GLN A 248 -15.61 16.85 5.49
CA GLN A 248 -16.81 16.82 4.68
C GLN A 248 -16.46 17.04 3.20
N GLY A 249 -17.08 16.26 2.32
CA GLY A 249 -16.81 16.39 0.89
C GLY A 249 -15.70 15.47 0.39
N ASP A 250 -14.75 15.15 1.26
CA ASP A 250 -13.63 14.28 0.91
C ASP A 250 -14.09 12.86 0.55
N THR A 251 -13.86 12.48 -0.71
CA THR A 251 -14.29 11.18 -1.20
C THR A 251 -13.19 10.12 -1.35
N ARG A 252 -11.97 10.42 -0.91
CA ARG A 252 -10.88 9.46 -1.03
C ARG A 252 -11.07 8.24 -0.12
N LYS A 253 -10.24 7.22 -0.33
CA LYS A 253 -10.28 5.99 0.46
C LYS A 253 -9.89 6.22 1.93
N ASP A 254 -10.50 5.48 2.85
CA ASP A 254 -10.17 5.60 4.28
C ASP A 254 -8.65 5.55 4.41
N ASP A 255 -8.09 4.71 3.54
CA ASP A 255 -6.66 4.45 3.39
C ASP A 255 -5.85 5.73 3.46
N VAL A 256 -6.01 6.52 2.41
CA VAL A 256 -5.36 7.79 2.20
C VAL A 256 -5.75 8.80 3.27
N VAL A 257 -7.05 8.90 3.51
CA VAL A 257 -7.57 9.86 4.49
C VAL A 257 -6.97 9.74 5.88
N LYS A 258 -6.92 8.54 6.42
CA LYS A 258 -6.37 8.36 7.75
C LYS A 258 -4.86 8.59 7.86
N GLU A 259 -4.12 8.35 6.79
CA GLU A 259 -2.67 8.56 6.85
C GLU A 259 -2.35 10.03 6.80
N GLU A 260 -3.10 10.76 5.96
CA GLU A 260 -2.91 12.19 5.84
C GLU A 260 -3.23 12.75 7.23
N ILE A 261 -4.36 12.33 7.79
CA ILE A 261 -4.73 12.80 9.13
C ILE A 261 -3.60 12.51 10.12
N PHE A 262 -2.99 11.33 10.01
CA PHE A 262 -1.92 10.95 10.92
C PHE A 262 -0.69 11.86 10.88
N TRP A 263 -0.16 12.11 9.68
CA TRP A 263 1.02 12.95 9.53
C TRP A 263 0.80 14.42 9.86
N LYS A 264 -0.36 14.93 9.49
CA LYS A 264 -0.66 16.34 9.74
C LYS A 264 -1.03 16.64 11.18
N HIS A 265 -1.98 15.89 11.73
CA HIS A 265 -2.47 16.14 13.08
C HIS A 265 -2.03 15.28 14.25
N ILE A 266 -1.52 14.07 14.02
CA ILE A 266 -1.11 13.24 15.15
C ILE A 266 0.39 13.12 15.37
N ALA A 267 1.09 12.58 14.37
CA ALA A 267 2.53 12.36 14.45
C ALA A 267 3.36 13.46 15.11
N PRO A 268 3.06 14.73 14.82
CA PRO A 268 3.86 15.80 15.44
C PRO A 268 3.52 16.13 16.89
N HIS A 269 2.39 15.66 17.38
CA HIS A 269 1.98 15.95 18.75
C HIS A 269 2.04 14.77 19.70
N PHE A 270 2.13 13.57 19.15
CA PHE A 270 2.15 12.37 19.99
C PHE A 270 3.19 11.34 19.59
N ASP A 271 3.61 10.55 20.56
CA ASP A 271 4.55 9.46 20.33
C ASP A 271 3.58 8.26 20.29
N VAL A 272 2.99 8.03 19.11
CA VAL A 272 2.03 6.94 18.97
C VAL A 272 2.69 5.57 18.99
N LYS A 273 2.32 4.80 19.99
CA LYS A 273 2.85 3.46 20.22
C LYS A 273 1.96 2.32 19.68
N LEU A 274 0.69 2.63 19.41
CA LEU A 274 -0.22 1.60 18.97
C LEU A 274 -1.47 2.19 18.32
N ALA A 275 -2.11 1.39 17.47
CA ALA A 275 -3.35 1.78 16.81
C ALA A 275 -4.24 0.54 16.86
N ILE A 276 -5.52 0.76 17.17
CA ILE A 276 -6.50 -0.30 17.26
C ILE A 276 -7.51 0.02 16.16
N ASP A 277 -7.78 -0.94 15.28
CA ASP A 277 -8.69 -0.68 14.18
C ASP A 277 -9.31 -1.99 13.72
N ASP A 278 -10.27 -1.92 12.80
CA ASP A 278 -10.88 -3.15 12.33
C ASP A 278 -10.92 -3.34 10.82
N ARG A 279 -10.86 -2.26 10.06
CA ARG A 279 -10.91 -2.41 8.61
C ARG A 279 -9.55 -2.82 8.03
N THR A 280 -9.52 -3.98 7.38
CA THR A 280 -8.31 -4.55 6.80
C THR A 280 -7.39 -3.59 6.03
N GLN A 281 -7.94 -2.72 5.19
CA GLN A 281 -7.11 -1.80 4.40
C GLN A 281 -6.45 -0.73 5.27
N VAL A 282 -7.10 -0.40 6.39
CA VAL A 282 -6.59 0.59 7.32
C VAL A 282 -5.54 -0.06 8.20
N VAL A 283 -5.83 -1.28 8.63
CA VAL A 283 -4.90 -2.03 9.46
C VAL A 283 -3.61 -2.24 8.69
N GLU A 284 -3.74 -2.50 7.40
CA GLU A 284 -2.59 -2.71 6.52
C GLU A 284 -1.80 -1.38 6.39
N TRP A 286 -1.67 1.16 8.66
CA TRP A 286 -0.98 1.40 9.93
C TRP A 286 0.37 0.66 10.03
N ARG A 287 0.35 -0.66 9.91
CA ARG A 287 1.57 -1.47 10.00
C ARG A 287 2.62 -1.09 8.98
N ARG A 288 2.18 -0.80 7.77
CA ARG A 288 3.03 -0.42 6.67
C ARG A 288 3.78 0.89 6.93
N ILE A 289 3.15 1.86 7.57
CA ILE A 289 3.87 3.11 7.81
C ILE A 289 4.66 3.10 9.11
N GLY A 290 4.71 1.96 9.79
CA GLY A 290 5.48 1.87 11.02
C GLY A 290 4.71 1.85 12.32
N VAL A 291 3.39 1.82 12.26
CA VAL A 291 2.61 1.79 13.50
C VAL A 291 2.03 0.42 13.77
N GLU A 292 2.38 -0.14 14.93
CA GLU A 292 1.87 -1.44 15.34
C GLU A 292 0.36 -1.30 15.36
N CYS A 293 -0.34 -2.30 14.82
CA CYS A 293 -1.79 -2.24 14.76
C CYS A 293 -2.44 -3.56 15.13
N TRP A 294 -3.46 -3.46 15.98
CA TRP A 294 -4.21 -4.63 16.43
C TRP A 294 -5.57 -4.59 15.73
N GLN A 295 -5.90 -5.64 15.00
CA GLN A 295 -7.19 -5.72 14.31
C GLN A 295 -8.13 -6.47 15.27
N VAL A 296 -9.21 -5.82 15.68
CA VAL A 296 -10.13 -6.41 16.67
C VAL A 296 -11.30 -7.24 16.13
N ALA A 297 -11.50 -7.24 14.81
CA ALA A 297 -12.56 -8.03 14.21
C ALA A 297 -12.32 -8.13 12.71
N SER A 298 -13.07 -9.00 12.04
CA SER A 298 -12.95 -9.15 10.59
C SER A 298 -13.28 -7.79 10.00
N GLY A 299 -12.45 -7.32 9.07
CA GLY A 299 -12.71 -6.03 8.48
C GLY A 299 -12.53 -6.04 6.99
N ASP A 300 -13.05 -7.08 6.33
CA ASP A 300 -12.89 -7.18 4.89
C ASP A 300 -14.03 -6.53 4.14
N PHE A 301 -14.04 -5.20 4.16
CA PHE A 301 -15.04 -4.40 3.49
C PHE A 301 -14.45 -3.00 3.28
#